data_6CY1
#
_entry.id   6CY1
#
_cell.length_a   70.800
_cell.length_b   70.800
_cell.length_c   229.050
_cell.angle_alpha   90.000
_cell.angle_beta   90.000
_cell.angle_gamma   120.000
#
_symmetry.space_group_name_H-M   'P 61'
#
loop_
_entity.id
_entity.type
_entity.pdbx_description
1 polymer 'Signal recognition particle receptor FtsY'
2 non-polymer 1,2-ETHANEDIOL
3 non-polymer 'SULFATE ION'
4 water water
#
_entity_poly.entity_id   1
_entity_poly.type   'polypeptide(L)'
_entity_poly.pdbx_seq_one_letter_code
;MAHHHHHHMVSWFKKIFKKEEKESLDKGLEKSSQSFFDKVSRAVVGKSKVDDEVLDDLEEVLIASDVGVETTVKIIRRIE
ERVARDKYVNVAELNNILREEISGLLLENPHAGTQNIDKTKKPYVIMVVGVNGVGKTTTIGKLAHQFKSEGLKVVLGAAD
TFRAAAVDQLVIWSERVGVPIVKQAMGSDPASVAFDTVQSAVSQDADVVIIDTAGRLHNKVNLMNELSKIKRVMQKVVPD
APHEVLLVLDGSTGQNAFEQAKQFTAATEVTALAVTKLDGTARGGVVIGISDQFQVPVKYIGVGEKMQDLQLFNGTEFVD
SFFKKREEN
;
_entity_poly.pdbx_strand_id   A,B
#
# COMPACT_ATOMS: atom_id res chain seq x y z
N HIS A 6 26.46 16.93 17.59
CA HIS A 6 25.64 16.01 18.37
C HIS A 6 25.70 14.57 17.84
N HIS A 7 26.27 13.68 18.65
CA HIS A 7 26.31 12.26 18.33
C HIS A 7 24.90 11.69 18.18
N HIS A 8 24.73 10.79 17.21
CA HIS A 8 23.49 10.05 17.05
C HIS A 8 23.80 8.56 17.16
N MET A 9 22.94 7.85 17.89
CA MET A 9 23.01 6.39 17.92
C MET A 9 22.95 5.81 16.50
N VAL A 10 22.04 6.34 15.68
CA VAL A 10 21.88 5.84 14.32
C VAL A 10 23.04 6.33 13.46
N SER A 11 23.71 5.39 12.80
CA SER A 11 24.87 5.69 11.94
C SER A 11 24.56 5.19 10.53
N TRP A 12 24.39 6.12 9.58
CA TRP A 12 23.92 5.70 8.26
C TRP A 12 24.99 4.87 7.55
N PHE A 13 24.56 4.04 6.60
CA PHE A 13 25.48 3.18 5.87
C PHE A 13 26.37 3.95 4.90
N LYS A 14 25.95 5.13 4.48
CA LYS A 14 26.72 5.95 3.56
C LYS A 14 26.62 7.38 4.04
N LYS A 15 27.74 7.94 4.52
CA LYS A 15 27.71 9.29 5.07
C LYS A 15 28.19 10.36 4.10
N ILE A 16 29.04 10.01 3.14
CA ILE A 16 29.55 10.94 2.14
C ILE A 16 29.03 10.51 0.78
N PHE A 17 28.42 11.45 0.05
CA PHE A 17 27.92 11.21 -1.31
C PHE A 17 28.80 11.95 -2.31
N LYS A 18 29.22 11.25 -3.36
CA LYS A 18 29.75 11.94 -4.53
C LYS A 18 28.64 12.76 -5.17
N LYS A 19 29.03 13.81 -5.90
CA LYS A 19 28.02 14.65 -6.55
C LYS A 19 27.11 13.83 -7.45
N GLU A 20 27.69 12.91 -8.22
CA GLU A 20 26.89 12.06 -9.10
C GLU A 20 25.99 11.13 -8.30
N GLU A 21 26.44 10.66 -7.13
CA GLU A 21 25.58 9.83 -6.31
C GLU A 21 24.42 10.63 -5.75
N LYS A 22 24.69 11.86 -5.28
CA LYS A 22 23.59 12.67 -4.79
C LYS A 22 22.64 13.04 -5.93
N GLU A 23 23.20 13.34 -7.12
CA GLU A 23 22.34 13.64 -8.26
C GLU A 23 21.47 12.44 -8.60
N SER A 24 22.04 11.23 -8.58
CA SER A 24 21.23 10.05 -8.85
C SER A 24 20.14 9.87 -7.80
N LEU A 25 20.45 10.12 -6.54
CA LEU A 25 19.42 10.04 -5.50
C LEU A 25 18.33 11.07 -5.73
N ASP A 26 18.73 12.32 -6.02
CA ASP A 26 17.77 13.37 -6.35
C ASP A 26 16.88 12.96 -7.51
N LYS A 27 17.49 12.49 -8.60
CA LYS A 27 16.72 12.12 -9.78
C LYS A 27 15.88 10.88 -9.52
N GLY A 28 16.41 9.93 -8.75
CA GLY A 28 15.66 8.71 -8.44
C GLY A 28 14.40 8.95 -7.61
N LEU A 29 14.42 9.96 -6.74
CA LEU A 29 13.24 10.28 -5.93
C LEU A 29 12.38 11.36 -6.56
N GLU A 30 12.77 11.89 -7.73
CA GLU A 30 12.06 13.03 -8.29
CA GLU A 30 12.05 13.04 -8.27
C GLU A 30 10.60 12.72 -8.58
N LYS A 31 10.30 11.52 -9.10
CA LYS A 31 8.90 11.21 -9.41
C LYS A 31 8.04 11.20 -8.15
N SER A 32 8.54 10.59 -7.07
CA SER A 32 7.85 10.60 -5.79
C SER A 32 7.78 12.01 -5.21
N SER A 33 8.88 12.76 -5.33
CA SER A 33 8.93 14.12 -4.80
C SER A 33 7.90 15.02 -5.49
N GLN A 34 7.88 15.00 -6.82
CA GLN A 34 6.92 15.81 -7.56
C GLN A 34 5.49 15.44 -7.20
N SER A 35 5.21 14.15 -7.06
CA SER A 35 3.87 13.71 -6.73
C SER A 35 3.46 14.20 -5.35
N PHE A 36 4.38 14.16 -4.39
CA PHE A 36 4.06 14.64 -3.05
C PHE A 36 3.78 16.14 -3.07
N PHE A 37 4.62 16.90 -3.77
CA PHE A 37 4.47 18.35 -3.77
C PHE A 37 3.19 18.79 -4.46
N ASP A 38 2.78 18.10 -5.52
CA ASP A 38 1.48 18.38 -6.11
CA ASP A 38 1.48 18.37 -6.12
C ASP A 38 0.36 18.19 -5.09
N LYS A 39 0.42 17.12 -4.32
CA LYS A 39 -0.66 16.83 -3.38
C LYS A 39 -0.65 17.81 -2.22
N VAL A 40 0.53 18.12 -1.66
CA VAL A 40 0.59 18.97 -0.49
C VAL A 40 0.21 20.41 -0.84
N SER A 41 0.32 20.79 -2.11
CA SER A 41 -0.10 22.12 -2.54
C SER A 41 -1.57 22.34 -2.23
N ARG A 42 -2.39 21.29 -2.30
CA ARG A 42 -3.80 21.41 -1.98
C ARG A 42 -4.02 21.59 -0.48
N ALA A 43 -3.12 21.07 0.35
CA ALA A 43 -3.31 21.17 1.79
C ALA A 43 -3.12 22.59 2.31
N VAL A 44 -2.50 23.47 1.54
CA VAL A 44 -2.20 24.81 2.03
C VAL A 44 -2.98 25.89 1.29
N VAL A 45 -3.98 25.50 0.48
CA VAL A 45 -4.78 26.49 -0.22
C VAL A 45 -5.51 27.36 0.79
N GLY A 46 -5.43 28.68 0.59
CA GLY A 46 -6.11 29.60 1.46
C GLY A 46 -5.59 29.63 2.89
N LYS A 47 -4.44 29.02 3.15
CA LYS A 47 -3.88 28.95 4.49
C LYS A 47 -2.62 29.80 4.58
N SER A 48 -2.47 30.48 5.71
CA SER A 48 -1.26 31.25 6.01
C SER A 48 -0.40 30.58 7.06
N LYS A 49 -1.03 29.94 8.05
CA LYS A 49 -0.36 29.27 9.15
C LYS A 49 -0.69 27.78 9.13
N VAL A 50 0.23 26.98 9.64
CA VAL A 50 -0.02 25.55 9.80
C VAL A 50 -0.99 25.38 10.97
N ASP A 51 -2.24 25.04 10.67
CA ASP A 51 -3.24 24.84 11.70
C ASP A 51 -3.73 23.39 11.64
N ASP A 52 -4.76 23.10 12.45
CA ASP A 52 -5.26 21.73 12.55
C ASP A 52 -5.74 21.21 11.20
N GLU A 53 -6.40 22.07 10.41
CA GLU A 53 -6.87 21.62 9.11
C GLU A 53 -5.71 21.31 8.17
N VAL A 54 -4.64 22.11 8.22
CA VAL A 54 -3.47 21.79 7.40
C VAL A 54 -2.91 20.44 7.77
N LEU A 55 -2.83 20.17 9.07
CA LEU A 55 -2.28 18.89 9.49
C LEU A 55 -3.19 17.73 9.10
N ASP A 56 -4.52 17.91 9.20
CA ASP A 56 -5.44 16.88 8.72
C ASP A 56 -5.20 16.58 7.24
N ASP A 57 -5.09 17.62 6.43
CA ASP A 57 -4.88 17.43 5.00
C ASP A 57 -3.52 16.80 4.74
N LEU A 58 -2.51 17.20 5.51
CA LEU A 58 -1.18 16.62 5.34
C LEU A 58 -1.18 15.15 5.68
N GLU A 59 -1.98 14.75 6.67
CA GLU A 59 -2.09 13.34 7.01
C GLU A 59 -2.56 12.51 5.81
N GLU A 60 -3.62 12.93 5.14
CA GLU A 60 -4.08 12.17 3.98
C GLU A 60 -3.06 12.23 2.84
N VAL A 61 -2.34 13.34 2.69
CA VAL A 61 -1.32 13.43 1.65
C VAL A 61 -0.23 12.40 1.90
N LEU A 62 0.23 12.29 3.14
CA LEU A 62 1.26 11.32 3.47
C LEU A 62 0.75 9.89 3.27
N ILE A 63 -0.49 9.63 3.69
CA ILE A 63 -1.08 8.31 3.46
C ILE A 63 -1.13 8.01 1.97
N ALA A 64 -1.60 8.99 1.18
CA ALA A 64 -1.68 8.79 -0.27
C ALA A 64 -0.31 8.66 -0.92
N SER A 65 0.76 8.99 -0.19
CA SER A 65 2.13 8.93 -0.64
C SER A 65 2.83 7.66 -0.16
N ASP A 66 2.08 6.67 0.32
CA ASP A 66 2.57 5.36 0.73
C ASP A 66 3.49 5.41 1.94
N VAL A 67 3.45 6.49 2.73
CA VAL A 67 4.29 6.56 3.92
C VAL A 67 3.80 5.59 5.00
N GLY A 68 2.50 5.31 5.02
CA GLY A 68 1.99 4.34 5.98
C GLY A 68 1.35 5.04 7.17
N VAL A 69 0.32 4.40 7.75
CA VAL A 69 -0.46 5.07 8.79
C VAL A 69 0.39 5.35 10.03
N GLU A 70 1.09 4.33 10.55
CA GLU A 70 1.80 4.53 11.82
C GLU A 70 2.87 5.62 11.70
N THR A 71 3.63 5.60 10.59
CA THR A 71 4.66 6.62 10.42
C THR A 71 4.03 8.00 10.19
N THR A 72 2.94 8.06 9.40
CA THR A 72 2.28 9.35 9.15
C THR A 72 1.80 9.99 10.44
N VAL A 73 1.22 9.19 11.35
CA VAL A 73 0.75 9.74 12.63
C VAL A 73 1.92 10.30 13.44
N LYS A 74 3.06 9.59 13.43
CA LYS A 74 4.23 10.06 14.16
C LYS A 74 4.75 11.37 13.58
N ILE A 75 4.75 11.49 12.25
CA ILE A 75 5.19 12.74 11.61
C ILE A 75 4.30 13.89 12.03
N ILE A 76 2.98 13.68 11.97
CA ILE A 76 2.05 14.74 12.34
C ILE A 76 2.28 15.16 13.79
N ARG A 77 2.50 14.19 14.67
CA ARG A 77 2.75 14.50 16.08
C ARG A 77 4.01 15.33 16.26
N ARG A 78 5.08 14.98 15.52
CA ARG A 78 6.31 15.76 15.58
C ARG A 78 6.07 17.19 15.10
N ILE A 79 5.27 17.34 14.04
CA ILE A 79 4.97 18.68 13.53
C ILE A 79 4.13 19.46 14.54
N GLU A 80 3.15 18.80 15.18
CA GLU A 80 2.39 19.50 16.21
C GLU A 80 3.30 20.00 17.34
N GLU A 81 4.22 19.15 17.79
CA GLU A 81 5.17 19.56 18.82
C GLU A 81 6.02 20.73 18.32
N ARG A 82 6.43 20.68 17.06
CA ARG A 82 7.18 21.79 16.47
C ARG A 82 6.37 23.08 16.50
N VAL A 83 5.11 23.01 16.08
CA VAL A 83 4.26 24.20 16.06
C VAL A 83 4.07 24.75 17.47
N ALA A 84 4.04 23.87 18.47
CA ALA A 84 3.93 24.35 19.85
C ALA A 84 5.25 24.90 20.36
N ARG A 85 6.37 24.27 19.98
CA ARG A 85 7.68 24.79 20.35
C ARG A 85 7.90 26.18 19.76
N ASP A 86 7.58 26.36 18.49
CA ASP A 86 7.77 27.64 17.80
C ASP A 86 6.55 28.55 17.86
N LYS A 87 5.53 28.19 18.64
CA LYS A 87 4.27 28.93 18.80
C LYS A 87 3.41 28.87 17.55
N TYR A 88 4.00 29.11 16.38
CA TYR A 88 3.30 29.05 15.11
C TYR A 88 4.31 28.70 14.01
N VAL A 89 3.82 28.07 12.96
CA VAL A 89 4.63 27.77 11.78
C VAL A 89 3.87 28.27 10.55
N ASN A 90 4.52 29.15 9.77
CA ASN A 90 3.90 29.65 8.55
C ASN A 90 3.96 28.60 7.46
N VAL A 91 2.90 28.53 6.63
CA VAL A 91 2.82 27.48 5.62
C VAL A 91 3.97 27.54 4.61
N ALA A 92 4.58 28.71 4.43
CA ALA A 92 5.77 28.79 3.58
C ALA A 92 6.92 27.94 4.11
N GLU A 93 7.02 27.80 5.43
CA GLU A 93 8.06 27.00 6.07
C GLU A 93 7.76 25.51 6.09
N LEU A 94 6.59 25.09 5.60
CA LEU A 94 6.12 23.72 5.78
C LEU A 94 7.07 22.70 5.17
N ASN A 95 7.62 22.98 4.00
CA ASN A 95 8.53 22.00 3.40
CA ASN A 95 8.54 22.02 3.39
C ASN A 95 9.80 21.85 4.24
N ASN A 96 10.30 22.97 4.78
CA ASN A 96 11.48 22.90 5.64
C ASN A 96 11.17 22.12 6.91
N ILE A 97 9.98 22.30 7.46
CA ILE A 97 9.56 21.57 8.65
C ILE A 97 9.49 20.08 8.36
N LEU A 98 8.94 19.72 7.20
CA LEU A 98 8.85 18.30 6.84
C LEU A 98 10.24 17.69 6.75
N ARG A 99 11.16 18.39 6.07
CA ARG A 99 12.52 17.89 5.95
CA ARG A 99 12.53 17.89 5.95
C ARG A 99 13.14 17.67 7.32
N GLU A 100 13.03 18.67 8.19
CA GLU A 100 13.68 18.61 9.50
C GLU A 100 13.03 17.54 10.39
N GLU A 101 11.69 17.53 10.45
CA GLU A 101 11.03 16.61 11.37
C GLU A 101 11.09 15.17 10.89
N ILE A 102 10.96 14.94 9.58
CA ILE A 102 11.03 13.57 9.09
C ILE A 102 12.45 13.04 9.17
N SER A 103 13.45 13.89 8.87
CA SER A 103 14.83 13.47 9.11
C SER A 103 15.07 13.11 10.57
N GLY A 104 14.57 13.94 11.49
CA GLY A 104 14.75 13.62 12.90
C GLY A 104 14.07 12.31 13.27
N LEU A 105 12.87 12.10 12.75
CA LEU A 105 12.13 10.87 13.03
C LEU A 105 12.92 9.64 12.61
N LEU A 106 13.53 9.66 11.42
CA LEU A 106 14.23 8.45 10.97
C LEU A 106 15.41 8.12 11.87
N LEU A 107 15.99 9.11 12.52
CA LEU A 107 17.09 8.89 13.46
C LEU A 107 16.63 8.34 14.81
N GLU A 108 15.33 8.20 15.02
CA GLU A 108 14.80 7.69 16.28
C GLU A 108 14.73 6.17 16.34
N ASN A 109 14.93 5.47 15.22
CA ASN A 109 14.81 4.02 15.18
C ASN A 109 16.16 3.40 15.50
N PRO A 110 16.34 2.80 16.67
CA PRO A 110 17.67 2.25 17.02
C PRO A 110 18.10 1.12 16.10
N HIS A 111 17.17 0.52 15.36
CA HIS A 111 17.50 -0.54 14.42
C HIS A 111 17.92 -0.01 13.05
N ALA A 112 17.83 1.30 12.83
CA ALA A 112 18.27 1.86 11.56
C ALA A 112 19.78 1.97 11.54
N GLY A 113 20.33 1.98 10.34
CA GLY A 113 21.74 2.24 10.18
C GLY A 113 22.63 1.12 10.70
N THR A 114 23.90 1.51 10.88
CA THR A 114 25.10 0.75 11.34
C THR A 114 25.89 0.22 10.17
N LYS A 122 36.11 -14.34 7.42
CA LYS A 122 35.80 -14.54 6.01
C LYS A 122 35.55 -16.03 5.70
N PRO A 123 34.71 -16.32 4.69
CA PRO A 123 33.99 -15.36 3.84
C PRO A 123 32.77 -14.73 4.51
N TYR A 124 32.46 -13.51 4.12
CA TYR A 124 31.23 -12.84 4.53
C TYR A 124 30.08 -13.38 3.70
N VAL A 125 29.11 -14.03 4.35
CA VAL A 125 28.06 -14.74 3.63
C VAL A 125 26.78 -13.92 3.70
N ILE A 126 26.27 -13.57 2.52
CA ILE A 126 25.02 -12.82 2.38
C ILE A 126 23.99 -13.80 1.82
N MET A 127 22.94 -14.01 2.57
CA MET A 127 21.81 -14.83 2.14
C MET A 127 20.71 -13.91 1.67
N VAL A 128 20.36 -13.98 0.39
CA VAL A 128 19.38 -13.05 -0.18
C VAL A 128 18.03 -13.75 -0.23
N VAL A 129 17.03 -13.11 0.38
CA VAL A 129 15.69 -13.67 0.42
C VAL A 129 14.72 -12.64 -0.14
N GLY A 130 13.53 -13.10 -0.49
CA GLY A 130 12.53 -12.22 -1.03
C GLY A 130 11.78 -12.93 -2.12
N VAL A 131 10.76 -12.29 -2.68
CA VAL A 131 9.94 -12.97 -3.65
C VAL A 131 10.67 -13.03 -4.99
N ASN A 132 10.17 -13.88 -5.87
CA ASN A 132 10.81 -14.07 -7.16
C ASN A 132 10.68 -12.84 -8.04
N GLY A 133 11.72 -12.59 -8.81
CA GLY A 133 11.68 -11.53 -9.80
C GLY A 133 13.07 -11.11 -10.22
N VAL A 134 13.10 -10.26 -11.24
CA VAL A 134 14.37 -9.78 -11.75
C VAL A 134 15.01 -8.82 -10.77
N GLY A 135 14.19 -8.16 -9.93
CA GLY A 135 14.74 -7.26 -8.93
C GLY A 135 15.69 -7.94 -7.96
N LYS A 136 15.34 -9.13 -7.49
CA LYS A 136 16.21 -9.83 -6.56
C LYS A 136 17.50 -10.27 -7.25
N THR A 137 17.40 -10.87 -8.45
CA THR A 137 18.63 -11.32 -9.09
C THR A 137 19.48 -10.14 -9.59
N THR A 138 18.83 -9.06 -10.05
CA THR A 138 19.58 -7.85 -10.40
C THR A 138 20.29 -7.26 -9.18
N THR A 139 19.64 -7.26 -8.01
CA THR A 139 20.29 -6.76 -6.82
C THR A 139 21.54 -7.57 -6.52
N ILE A 140 21.48 -8.90 -6.67
CA ILE A 140 22.67 -9.71 -6.46
C ILE A 140 23.76 -9.34 -7.46
N GLY A 141 23.39 -9.19 -8.73
CA GLY A 141 24.40 -8.83 -9.72
C GLY A 141 25.06 -7.52 -9.41
N LYS A 142 24.28 -6.51 -9.03
CA LYS A 142 24.87 -5.20 -8.73
C LYS A 142 25.76 -5.27 -7.50
N LEU A 143 25.36 -6.00 -6.46
CA LEU A 143 26.23 -6.15 -5.30
C LEU A 143 27.55 -6.83 -5.69
N ALA A 144 27.47 -7.90 -6.48
CA ALA A 144 28.70 -8.56 -6.93
C ALA A 144 29.61 -7.59 -7.65
N HIS A 145 29.04 -6.78 -8.55
CA HIS A 145 29.82 -5.80 -9.27
C HIS A 145 30.49 -4.82 -8.30
N GLN A 146 29.72 -4.33 -7.33
CA GLN A 146 30.29 -3.35 -6.39
C GLN A 146 31.39 -3.96 -5.55
N PHE A 147 31.17 -5.16 -5.02
CA PHE A 147 32.21 -5.79 -4.21
C PHE A 147 33.46 -6.05 -5.05
N LYS A 148 33.29 -6.59 -6.25
CA LYS A 148 34.46 -6.84 -7.08
C LYS A 148 35.20 -5.55 -7.41
N SER A 149 34.46 -4.46 -7.65
CA SER A 149 35.14 -3.21 -7.94
C SER A 149 35.90 -2.69 -6.74
N GLU A 150 35.56 -3.12 -5.53
CA GLU A 150 36.34 -2.76 -4.34
C GLU A 150 37.56 -3.64 -4.15
N GLY A 151 37.79 -4.60 -5.05
CA GLY A 151 38.88 -5.55 -4.88
C GLY A 151 38.51 -6.85 -4.19
N LEU A 152 37.24 -7.09 -3.91
CA LEU A 152 36.83 -8.27 -3.15
C LEU A 152 36.57 -9.48 -4.06
N LYS A 153 36.97 -10.66 -3.58
CA LYS A 153 36.73 -11.90 -4.30
C LYS A 153 35.34 -12.41 -3.92
N VAL A 154 34.44 -12.49 -4.90
CA VAL A 154 33.03 -12.81 -4.72
C VAL A 154 32.73 -14.19 -5.32
N VAL A 155 31.90 -14.96 -4.63
CA VAL A 155 31.34 -16.22 -5.15
C VAL A 155 29.82 -16.15 -5.05
N LEU A 156 29.12 -16.51 -6.13
CA LEU A 156 27.67 -16.54 -6.12
C LEU A 156 27.14 -17.98 -5.98
N GLY A 157 25.98 -18.11 -5.35
CA GLY A 157 25.31 -19.41 -5.27
C GLY A 157 23.85 -19.31 -5.69
N ALA A 158 23.42 -20.15 -6.64
CA ALA A 158 22.06 -20.11 -7.20
C ALA A 158 21.21 -21.17 -6.52
N ALA A 159 20.75 -20.88 -5.30
CA ALA A 159 20.03 -21.89 -4.52
C ALA A 159 18.51 -21.82 -4.69
N ASP A 160 18.00 -21.00 -5.60
CA ASP A 160 16.60 -21.09 -6.01
C ASP A 160 16.56 -22.11 -7.15
N THR A 161 16.64 -23.40 -6.77
CA THR A 161 16.98 -24.45 -7.73
C THR A 161 15.81 -24.91 -8.57
N PHE A 162 14.58 -24.50 -8.26
CA PHE A 162 13.42 -24.90 -9.05
C PHE A 162 12.97 -23.83 -10.03
N ARG A 163 13.59 -22.65 -10.02
CA ARG A 163 13.19 -21.57 -10.91
C ARG A 163 14.29 -21.34 -11.94
N ALA A 164 14.08 -21.84 -13.16
CA ALA A 164 15.12 -21.78 -14.17
C ALA A 164 15.52 -20.33 -14.47
N ALA A 165 14.54 -19.43 -14.50
CA ALA A 165 14.85 -18.04 -14.82
C ALA A 165 15.78 -17.41 -13.79
N ALA A 166 15.60 -17.74 -12.52
CA ALA A 166 16.47 -17.15 -11.51
C ALA A 166 17.88 -17.69 -11.64
N VAL A 167 18.03 -18.99 -11.85
CA VAL A 167 19.37 -19.55 -11.97
C VAL A 167 20.06 -19.00 -13.22
N ASP A 168 19.38 -19.05 -14.36
CA ASP A 168 19.96 -18.56 -15.62
C ASP A 168 20.37 -17.10 -15.50
N GLN A 169 19.51 -16.28 -14.90
CA GLN A 169 19.82 -14.85 -14.78
C GLN A 169 21.04 -14.63 -13.90
N LEU A 170 21.18 -15.42 -12.83
CA LEU A 170 22.36 -15.30 -11.98
CA LEU A 170 22.36 -15.30 -11.98
C LEU A 170 23.61 -15.78 -12.71
N VAL A 171 23.48 -16.83 -13.52
CA VAL A 171 24.63 -17.25 -14.32
C VAL A 171 25.06 -16.12 -15.25
N ILE A 172 24.09 -15.48 -15.90
CA ILE A 172 24.42 -14.37 -16.79
C ILE A 172 25.09 -13.24 -16.03
N TRP A 173 24.58 -12.91 -14.84
CA TRP A 173 25.25 -11.90 -14.03
C TRP A 173 26.67 -12.31 -13.68
N SER A 174 26.90 -13.59 -13.38
CA SER A 174 28.26 -14.01 -13.04
C SER A 174 29.20 -13.79 -14.22
N GLU A 175 28.70 -13.99 -15.44
CA GLU A 175 29.53 -13.79 -16.62
C GLU A 175 29.73 -12.30 -16.89
N ARG A 176 28.69 -11.49 -16.67
CA ARG A 176 28.83 -10.04 -16.88
C ARG A 176 29.82 -9.43 -15.89
N VAL A 177 29.71 -9.79 -14.62
CA VAL A 177 30.56 -9.20 -13.60
C VAL A 177 31.93 -9.87 -13.59
N GLY A 178 31.99 -11.17 -13.88
CA GLY A 178 33.25 -11.90 -13.87
C GLY A 178 33.51 -12.47 -12.49
N VAL A 179 32.57 -13.26 -11.99
CA VAL A 179 32.72 -13.93 -10.70
C VAL A 179 32.23 -15.36 -10.84
N PRO A 180 32.78 -16.28 -10.05
CA PRO A 180 32.34 -17.67 -10.11
C PRO A 180 30.92 -17.85 -9.58
N ILE A 181 30.23 -18.86 -10.09
CA ILE A 181 28.91 -19.20 -9.58
C ILE A 181 28.83 -20.69 -9.33
N VAL A 182 28.16 -21.06 -8.24
CA VAL A 182 27.89 -22.47 -7.89
C VAL A 182 26.42 -22.72 -8.15
N LYS A 183 26.13 -23.72 -8.99
CA LYS A 183 24.75 -24.01 -9.35
C LYS A 183 24.64 -25.51 -9.59
N GLN A 184 23.40 -26.01 -9.61
CA GLN A 184 23.14 -27.41 -9.87
C GLN A 184 21.96 -27.51 -10.83
N ALA A 185 21.71 -28.72 -11.32
CA ALA A 185 20.61 -28.89 -12.25
C ALA A 185 19.30 -28.43 -11.63
N MET A 186 18.35 -28.07 -12.48
CA MET A 186 17.04 -27.66 -12.01
C MET A 186 16.45 -28.75 -11.13
N GLY A 187 15.80 -28.35 -10.04
CA GLY A 187 15.18 -29.31 -9.16
C GLY A 187 16.10 -29.91 -8.12
N SER A 188 17.37 -29.50 -8.09
CA SER A 188 18.32 -30.00 -7.09
C SER A 188 17.99 -29.44 -5.70
N ASP A 189 18.62 -30.04 -4.71
CA ASP A 189 18.44 -29.65 -3.31
C ASP A 189 19.05 -28.28 -3.04
N PRO A 190 18.28 -27.27 -2.64
CA PRO A 190 18.89 -25.96 -2.38
C PRO A 190 19.92 -26.01 -1.27
N ALA A 191 19.78 -26.90 -0.29
CA ALA A 191 20.78 -26.99 0.76
C ALA A 191 22.10 -27.52 0.21
N SER A 192 22.04 -28.40 -0.79
CA SER A 192 23.27 -28.87 -1.42
C SER A 192 23.96 -27.76 -2.19
N VAL A 193 23.20 -26.93 -2.89
CA VAL A 193 23.80 -25.77 -3.54
C VAL A 193 24.43 -24.84 -2.52
N ALA A 194 23.72 -24.56 -1.42
CA ALA A 194 24.23 -23.63 -0.43
C ALA A 194 25.50 -24.19 0.22
N PHE A 195 25.48 -25.47 0.57
CA PHE A 195 26.69 -26.12 1.08
C PHE A 195 27.85 -25.99 0.09
N ASP A 196 27.61 -26.40 -1.16
CA ASP A 196 28.66 -26.32 -2.18
C ASP A 196 29.20 -24.91 -2.34
N THR A 197 28.33 -23.91 -2.21
CA THR A 197 28.76 -22.54 -2.45
C THR A 197 29.72 -22.06 -1.36
N VAL A 198 29.35 -22.28 -0.09
CA VAL A 198 30.23 -21.82 0.98
C VAL A 198 31.51 -22.65 1.02
N GLN A 199 31.41 -23.96 0.78
CA GLN A 199 32.61 -24.79 0.76
C GLN A 199 33.56 -24.32 -0.33
N SER A 200 33.02 -24.00 -1.50
CA SER A 200 33.86 -23.49 -2.59
C SER A 200 34.48 -22.14 -2.23
N ALA A 201 33.72 -21.29 -1.56
CA ALA A 201 34.25 -19.98 -1.20
C ALA A 201 35.39 -20.11 -0.20
N VAL A 202 35.24 -21.01 0.77
CA VAL A 202 36.34 -21.24 1.71
C VAL A 202 37.58 -21.72 0.98
N SER A 203 37.41 -22.72 0.08
CA SER A 203 38.56 -23.29 -0.60
CA SER A 203 38.58 -23.28 -0.59
C SER A 203 39.27 -22.26 -1.48
N GLN A 204 38.50 -21.35 -2.07
CA GLN A 204 39.09 -20.34 -2.94
CA GLN A 204 38.97 -20.28 -2.95
C GLN A 204 39.42 -19.04 -2.21
N ASP A 205 39.31 -19.02 -0.88
CA ASP A 205 39.67 -17.84 -0.09
C ASP A 205 38.88 -16.60 -0.54
N ALA A 206 37.59 -16.80 -0.81
CA ALA A 206 36.73 -15.70 -1.23
C ALA A 206 36.47 -14.77 -0.05
N ASP A 207 36.17 -13.51 -0.38
CA ASP A 207 35.83 -12.50 0.61
C ASP A 207 34.33 -12.48 0.91
N VAL A 208 33.52 -12.69 -0.12
CA VAL A 208 32.08 -12.49 -0.01
C VAL A 208 31.40 -13.62 -0.76
N VAL A 209 30.36 -14.19 -0.14
CA VAL A 209 29.46 -15.15 -0.76
C VAL A 209 28.10 -14.50 -0.84
N ILE A 210 27.44 -14.61 -1.98
CA ILE A 210 26.06 -14.14 -2.10
C ILE A 210 25.23 -15.31 -2.62
N ILE A 211 24.26 -15.74 -1.83
CA ILE A 211 23.42 -16.91 -2.10
C ILE A 211 22.02 -16.44 -2.39
N ASP A 212 21.48 -16.76 -3.57
CA ASP A 212 20.06 -16.55 -3.85
C ASP A 212 19.25 -17.71 -3.29
N THR A 213 18.06 -17.42 -2.73
CA THR A 213 17.22 -18.46 -2.15
C THR A 213 15.80 -18.32 -2.69
N ALA A 214 15.07 -19.43 -2.68
CA ALA A 214 13.68 -19.40 -3.13
C ALA A 214 12.82 -18.67 -2.12
N GLY A 215 11.82 -17.96 -2.60
CA GLY A 215 10.95 -17.24 -1.69
C GLY A 215 9.49 -17.16 -2.09
N ARG A 216 8.79 -18.29 -2.10
CA ARG A 216 7.36 -18.28 -2.36
C ARG A 216 6.63 -18.13 -1.04
N LEU A 217 5.73 -17.14 -0.98
CA LEU A 217 4.98 -16.80 0.22
C LEU A 217 3.78 -17.70 0.47
N HIS A 218 3.49 -18.67 -0.41
CA HIS A 218 2.28 -19.46 -0.27
C HIS A 218 2.28 -20.27 1.03
N ASN A 219 3.34 -21.02 1.27
CA ASN A 219 3.41 -21.94 2.41
C ASN A 219 4.51 -21.45 3.34
N LYS A 220 4.14 -20.56 4.27
CA LYS A 220 5.13 -19.97 5.15
C LYS A 220 5.87 -21.04 5.96
N VAL A 221 5.19 -22.13 6.30
CA VAL A 221 5.83 -23.23 7.04
C VAL A 221 6.99 -23.79 6.22
N ASN A 222 6.74 -24.11 4.95
CA ASN A 222 7.80 -24.63 4.10
C ASN A 222 8.89 -23.60 3.86
N LEU A 223 8.52 -22.32 3.79
CA LEU A 223 9.52 -21.28 3.62
C LEU A 223 10.42 -21.17 4.84
N MET A 224 9.81 -21.08 6.03
CA MET A 224 10.59 -21.02 7.26
C MET A 224 11.51 -22.22 7.38
N ASN A 225 11.02 -23.41 7.00
CA ASN A 225 11.83 -24.63 7.10
C ASN A 225 12.97 -24.66 6.08
N GLU A 226 12.70 -24.25 4.83
CA GLU A 226 13.79 -24.30 3.85
C GLU A 226 14.88 -23.30 4.19
N LEU A 227 14.50 -22.08 4.61
CA LEU A 227 15.53 -21.08 4.91
C LEU A 227 16.35 -21.47 6.13
N SER A 228 15.72 -22.05 7.15
CA SER A 228 16.53 -22.46 8.31
C SER A 228 17.43 -23.63 7.95
N LYS A 229 16.98 -24.53 7.08
CA LYS A 229 17.85 -25.63 6.65
C LYS A 229 19.04 -25.10 5.87
N ILE A 230 18.81 -24.09 5.03
CA ILE A 230 19.91 -23.48 4.28
C ILE A 230 20.93 -22.88 5.24
N LYS A 231 20.46 -22.16 6.27
CA LYS A 231 21.39 -21.58 7.25
C LYS A 231 22.16 -22.66 8.00
N ARG A 232 21.46 -23.70 8.48
CA ARG A 232 22.13 -24.74 9.23
C ARG A 232 23.22 -25.42 8.41
N VAL A 233 22.94 -25.66 7.13
CA VAL A 233 23.91 -26.33 6.27
C VAL A 233 25.13 -25.44 6.01
N MET A 234 24.92 -24.15 5.76
CA MET A 234 26.07 -23.28 5.59
C MET A 234 26.88 -23.19 6.88
N GLN A 235 26.22 -23.28 8.04
CA GLN A 235 26.93 -23.21 9.32
C GLN A 235 27.82 -24.42 9.55
N LYS A 236 27.60 -25.52 8.82
CA LYS A 236 28.53 -26.64 8.91
C LYS A 236 29.91 -26.25 8.39
N VAL A 237 29.96 -25.28 7.48
CA VAL A 237 31.20 -24.83 6.85
C VAL A 237 31.71 -23.55 7.48
N VAL A 238 30.81 -22.59 7.69
CA VAL A 238 31.14 -21.28 8.24
C VAL A 238 30.18 -21.05 9.40
N PRO A 239 30.60 -21.27 10.65
CA PRO A 239 29.63 -21.28 11.75
C PRO A 239 28.89 -19.96 11.94
N ASP A 240 29.51 -18.83 11.61
CA ASP A 240 28.84 -17.55 11.73
C ASP A 240 27.87 -17.24 10.59
N ALA A 241 27.87 -18.03 9.51
CA ALA A 241 27.05 -17.74 8.34
C ALA A 241 25.58 -18.04 8.63
N PRO A 242 24.65 -17.35 7.96
CA PRO A 242 24.86 -16.17 7.11
C PRO A 242 25.20 -14.94 7.95
N HIS A 243 26.15 -14.12 7.52
CA HIS A 243 26.48 -12.90 8.25
C HIS A 243 25.45 -11.82 8.01
N GLU A 244 24.82 -11.85 6.85
CA GLU A 244 23.77 -10.92 6.48
C GLU A 244 22.65 -11.71 5.82
N VAL A 245 21.41 -11.42 6.20
CA VAL A 245 20.23 -11.94 5.52
C VAL A 245 19.53 -10.73 4.92
N LEU A 246 19.61 -10.59 3.61
CA LEU A 246 19.18 -9.40 2.90
C LEU A 246 17.85 -9.68 2.22
N LEU A 247 16.81 -8.96 2.62
CA LEU A 247 15.48 -9.09 2.05
C LEU A 247 15.31 -8.02 0.97
N VAL A 248 15.07 -8.45 -0.26
CA VAL A 248 14.92 -7.54 -1.38
C VAL A 248 13.43 -7.27 -1.59
N LEU A 249 13.07 -5.98 -1.67
CA LEU A 249 11.69 -5.54 -1.80
C LEU A 249 11.57 -4.63 -3.00
N ASP A 250 10.41 -4.66 -3.66
CA ASP A 250 10.14 -3.83 -4.83
C ASP A 250 9.41 -2.57 -4.35
N GLY A 251 10.14 -1.46 -4.27
CA GLY A 251 9.54 -0.21 -3.80
C GLY A 251 8.53 0.38 -4.76
N SER A 252 8.53 -0.06 -6.02
CA SER A 252 7.54 0.45 -6.96
C SER A 252 6.14 -0.02 -6.63
N THR A 253 5.99 -0.96 -5.70
CA THR A 253 4.66 -1.34 -5.26
C THR A 253 4.22 -0.59 -4.01
N GLY A 254 5.03 0.34 -3.50
CA GLY A 254 4.58 1.18 -2.39
C GLY A 254 4.35 0.37 -1.14
N GLN A 255 3.25 0.67 -0.43
CA GLN A 255 3.02 0.00 0.86
C GLN A 255 2.88 -1.51 0.72
N ASN A 256 2.65 -2.03 -0.50
CA ASN A 256 2.68 -3.46 -0.69
C ASN A 256 4.04 -4.05 -0.30
N ALA A 257 5.12 -3.31 -0.54
CA ALA A 257 6.44 -3.75 -0.12
C ALA A 257 6.52 -3.85 1.40
N PHE A 258 5.88 -2.91 2.08
CA PHE A 258 5.81 -2.93 3.54
C PHE A 258 5.13 -4.21 4.01
N GLU A 259 3.99 -4.54 3.39
CA GLU A 259 3.27 -5.75 3.78
C GLU A 259 4.05 -7.01 3.44
N GLN A 260 4.71 -7.00 2.29
CA GLN A 260 5.51 -8.16 1.90
C GLN A 260 6.67 -8.37 2.86
N ALA A 261 7.28 -7.28 3.33
CA ALA A 261 8.38 -7.38 4.29
C ALA A 261 7.90 -7.91 5.63
N LYS A 262 6.71 -7.51 6.07
CA LYS A 262 6.15 -8.09 7.29
C LYS A 262 6.11 -9.61 7.18
N GLN A 263 5.76 -10.12 6.00
CA GLN A 263 5.63 -11.55 5.80
C GLN A 263 6.97 -12.26 5.90
N PHE A 264 7.98 -11.75 5.19
CA PHE A 264 9.30 -12.39 5.17
C PHE A 264 10.01 -12.27 6.51
N THR A 265 9.94 -11.11 7.16
CA THR A 265 10.68 -10.93 8.41
C THR A 265 10.14 -11.83 9.52
N ALA A 266 8.92 -12.33 9.39
CA ALA A 266 8.38 -13.27 10.35
C ALA A 266 8.82 -14.70 10.06
N ALA A 267 9.14 -15.00 8.80
CA ALA A 267 9.48 -16.37 8.41
C ALA A 267 10.93 -16.72 8.70
N THR A 268 11.82 -15.74 8.77
CA THR A 268 13.22 -15.99 9.05
C THR A 268 13.82 -14.72 9.63
N GLU A 269 14.96 -14.88 10.29
CA GLU A 269 15.65 -13.71 10.81
C GLU A 269 16.29 -12.95 9.66
N VAL A 270 15.79 -11.76 9.38
CA VAL A 270 16.31 -10.89 8.33
C VAL A 270 17.16 -9.84 9.01
N THR A 271 18.30 -9.49 8.41
CA THR A 271 19.17 -8.50 9.03
C THR A 271 19.26 -7.18 8.28
N ALA A 272 18.81 -7.12 7.03
CA ALA A 272 18.91 -5.89 6.25
C ALA A 272 17.90 -5.95 5.13
N LEU A 273 17.47 -4.76 4.67
CA LEU A 273 16.50 -4.61 3.60
C LEU A 273 17.11 -3.89 2.41
N ALA A 274 16.70 -4.27 1.21
CA ALA A 274 16.98 -3.50 0.01
C ALA A 274 15.65 -3.17 -0.65
N VAL A 275 15.43 -1.89 -0.93
CA VAL A 275 14.19 -1.45 -1.58
C VAL A 275 14.57 -0.95 -2.96
N THR A 276 14.15 -1.68 -4.00
CA THR A 276 14.56 -1.41 -5.37
C THR A 276 13.50 -0.63 -6.12
N LYS A 277 13.86 -0.19 -7.33
CA LYS A 277 12.92 0.31 -8.33
C LYS A 277 12.22 1.59 -7.88
N LEU A 278 12.94 2.43 -7.15
CA LEU A 278 12.34 3.69 -6.69
C LEU A 278 12.26 4.73 -7.79
N ASP A 279 13.12 4.67 -8.81
CA ASP A 279 13.18 5.79 -9.74
C ASP A 279 11.89 5.93 -10.54
N GLY A 280 11.27 4.82 -10.92
CA GLY A 280 10.12 4.88 -11.80
C GLY A 280 8.78 4.89 -11.09
N THR A 281 8.76 5.09 -9.78
CA THR A 281 7.51 5.08 -9.03
C THR A 281 7.27 6.42 -8.35
N ALA A 282 6.00 6.76 -8.17
CA ALA A 282 5.66 7.87 -7.29
C ALA A 282 5.45 7.42 -5.85
N ARG A 283 5.66 6.14 -5.56
CA ARG A 283 5.34 5.54 -4.28
C ARG A 283 6.57 5.38 -3.38
N GLY A 284 7.65 6.10 -3.67
CA GLY A 284 8.90 5.91 -2.95
C GLY A 284 8.83 6.29 -1.49
N GLY A 285 7.79 7.03 -1.09
CA GLY A 285 7.63 7.36 0.32
C GLY A 285 7.52 6.13 1.20
N VAL A 286 7.26 4.95 0.62
CA VAL A 286 7.23 3.75 1.44
C VAL A 286 8.55 3.53 2.16
N VAL A 287 9.66 4.03 1.60
CA VAL A 287 10.95 3.85 2.27
C VAL A 287 10.96 4.55 3.63
N ILE A 288 10.31 5.69 3.73
CA ILE A 288 10.23 6.41 5.00
C ILE A 288 9.49 5.56 6.04
N GLY A 289 8.35 4.99 5.64
CA GLY A 289 7.59 4.15 6.55
C GLY A 289 8.33 2.88 6.93
N ILE A 290 9.02 2.26 5.96
CA ILE A 290 9.79 1.05 6.28
C ILE A 290 10.90 1.37 7.26
N SER A 291 11.68 2.43 6.98
CA SER A 291 12.79 2.78 7.87
C SER A 291 12.29 3.09 9.28
N ASP A 292 11.15 3.78 9.38
CA ASP A 292 10.62 4.17 10.69
C ASP A 292 10.07 2.98 11.47
N GLN A 293 9.41 2.04 10.79
CA GLN A 293 8.64 1.01 11.48
C GLN A 293 9.40 -0.30 11.70
N PHE A 294 10.28 -0.70 10.80
CA PHE A 294 10.85 -2.04 10.90
C PHE A 294 12.00 -2.08 11.90
N GLN A 295 12.13 -3.23 12.59
CA GLN A 295 13.25 -3.47 13.48
C GLN A 295 14.46 -4.02 12.74
N VAL A 296 14.48 -3.81 11.45
CA VAL A 296 15.64 -4.17 10.62
CA VAL A 296 15.58 -4.22 10.55
C VAL A 296 15.97 -2.97 9.75
N PRO A 297 17.24 -2.68 9.53
CA PRO A 297 17.59 -1.46 8.79
C PRO A 297 17.33 -1.58 7.30
N VAL A 298 16.89 -0.48 6.70
CA VAL A 298 17.04 -0.33 5.25
C VAL A 298 18.51 -0.12 4.97
N LYS A 299 19.11 -1.02 4.20
CA LYS A 299 20.53 -0.93 3.93
C LYS A 299 20.84 -0.47 2.50
N TYR A 300 20.03 -0.89 1.54
CA TYR A 300 20.22 -0.51 0.13
C TYR A 300 18.92 0.06 -0.43
N ILE A 301 19.06 1.01 -1.34
CA ILE A 301 17.91 1.48 -2.12
C ILE A 301 18.31 1.52 -3.58
N GLY A 302 17.38 1.11 -4.45
CA GLY A 302 17.62 1.11 -5.89
C GLY A 302 17.06 2.36 -6.55
N VAL A 303 17.92 3.25 -7.08
CA VAL A 303 17.43 4.53 -7.59
C VAL A 303 17.70 4.71 -9.08
N GLY A 304 18.05 3.64 -9.78
CA GLY A 304 18.30 3.75 -11.20
C GLY A 304 18.85 2.46 -11.74
N GLU A 305 19.17 2.48 -13.03
CA GLU A 305 19.60 1.29 -13.75
C GLU A 305 21.08 0.97 -13.61
N LYS A 306 21.92 1.95 -13.24
CA LYS A 306 23.36 1.70 -13.23
C LYS A 306 23.73 0.77 -12.07
N MET A 307 24.91 0.13 -12.18
CA MET A 307 25.41 -0.70 -11.09
C MET A 307 25.50 0.11 -9.80
N GLN A 308 25.98 1.34 -9.90
CA GLN A 308 26.18 2.19 -8.73
C GLN A 308 24.89 2.78 -8.20
N ASP A 309 23.77 2.59 -8.90
CA ASP A 309 22.47 3.08 -8.46
C ASP A 309 21.81 2.20 -7.41
N LEU A 310 22.39 1.05 -7.06
CA LEU A 310 22.02 0.38 -5.81
C LEU A 310 22.89 1.01 -4.72
N GLN A 311 22.32 1.97 -3.98
CA GLN A 311 23.09 2.80 -3.06
C GLN A 311 22.93 2.31 -1.62
N LEU A 312 24.00 2.39 -0.83
CA LEU A 312 23.86 2.28 0.62
C LEU A 312 22.99 3.41 1.15
N PHE A 313 22.20 3.12 2.19
CA PHE A 313 21.10 3.99 2.61
C PHE A 313 21.56 5.03 3.61
N ASN A 314 21.03 6.24 3.46
CA ASN A 314 21.22 7.33 4.41
C ASN A 314 19.88 8.05 4.48
N GLY A 315 19.15 7.85 5.59
CA GLY A 315 17.80 8.41 5.70
C GLY A 315 17.77 9.91 5.66
N THR A 316 18.83 10.56 6.17
CA THR A 316 18.85 12.02 6.16
C THR A 316 18.96 12.54 4.73
N GLU A 317 19.83 11.93 3.92
CA GLU A 317 19.94 12.32 2.51
C GLU A 317 18.71 11.92 1.71
N PHE A 318 18.09 10.79 2.08
CA PHE A 318 16.87 10.37 1.42
C PHE A 318 15.78 11.42 1.60
N VAL A 319 15.59 11.87 2.84
CA VAL A 319 14.57 12.87 3.12
C VAL A 319 14.93 14.18 2.44
N ASP A 320 16.21 14.53 2.42
CA ASP A 320 16.65 15.75 1.74
C ASP A 320 16.29 15.72 0.26
N SER A 321 16.54 14.59 -0.41
CA SER A 321 16.23 14.47 -1.83
C SER A 321 14.72 14.33 -2.05
N PHE A 322 14.01 13.71 -1.10
CA PHE A 322 12.57 13.50 -1.28
C PHE A 322 11.82 14.83 -1.18
N PHE A 323 12.23 15.68 -0.26
CA PHE A 323 11.60 16.97 -0.03
C PHE A 323 12.53 18.09 -0.47
N LYS A 324 13.18 17.89 -1.62
CA LYS A 324 14.16 18.86 -2.12
C LYS A 324 13.47 20.17 -2.50
N LYS A 325 14.13 21.28 -2.18
CA LYS A 325 13.66 22.61 -2.54
C LYS A 325 14.12 23.02 -3.93
N MET B 9 -23.49 -18.18 -0.69
CA MET B 9 -23.76 -17.50 0.57
C MET B 9 -23.82 -15.98 0.38
N VAL B 10 -22.88 -15.44 -0.40
CA VAL B 10 -22.82 -14.00 -0.64
C VAL B 10 -23.91 -13.58 -1.60
N SER B 11 -24.68 -12.56 -1.20
CA SER B 11 -25.76 -11.98 -1.99
C SER B 11 -25.40 -10.51 -2.23
N TRP B 12 -25.09 -10.16 -3.48
CA TRP B 12 -24.54 -8.84 -3.77
C TRP B 12 -25.59 -7.74 -3.59
N PHE B 13 -25.10 -6.51 -3.39
CA PHE B 13 -25.98 -5.35 -3.21
C PHE B 13 -26.69 -4.96 -4.49
N LYS B 14 -26.17 -5.34 -5.64
CA LYS B 14 -26.78 -5.02 -6.93
C LYS B 14 -26.72 -6.27 -7.78
N LYS B 15 -27.88 -6.86 -8.08
CA LYS B 15 -27.86 -8.11 -8.82
C LYS B 15 -28.15 -7.95 -10.30
N ILE B 16 -28.90 -6.91 -10.69
CA ILE B 16 -29.22 -6.63 -12.07
C ILE B 16 -28.57 -5.31 -12.46
N PHE B 17 -27.80 -5.33 -13.55
CA PHE B 17 -27.17 -4.13 -14.08
C PHE B 17 -27.87 -3.72 -15.35
N LYS B 18 -28.25 -2.45 -15.45
CA LYS B 18 -28.59 -1.90 -16.76
C LYS B 18 -27.35 -1.86 -17.65
N LYS B 19 -27.60 -1.82 -18.97
CA LYS B 19 -26.50 -1.74 -19.94
C LYS B 19 -25.61 -0.54 -19.66
N GLU B 20 -26.21 0.60 -19.33
CA GLU B 20 -25.46 1.82 -19.03
C GLU B 20 -24.64 1.66 -17.75
N GLU B 21 -25.17 0.95 -16.77
CA GLU B 21 -24.43 0.74 -15.52
C GLU B 21 -23.23 -0.15 -15.74
N LYS B 22 -23.40 -1.24 -16.51
CA LYS B 22 -22.27 -2.12 -16.80
C LYS B 22 -21.19 -1.39 -17.59
N GLU B 23 -21.60 -0.55 -18.54
CA GLU B 23 -20.63 0.24 -19.28
C GLU B 23 -19.87 1.19 -18.37
N SER B 24 -20.58 1.86 -17.45
CA SER B 24 -19.91 2.75 -16.51
C SER B 24 -18.88 2.00 -15.66
N LEU B 25 -19.24 0.81 -15.20
CA LEU B 25 -18.29 -0.02 -14.47
C LEU B 25 -17.12 -0.45 -15.36
N ASP B 26 -17.41 -0.85 -16.61
CA ASP B 26 -16.35 -1.19 -17.56
C ASP B 26 -15.39 -0.03 -17.74
N LYS B 27 -15.91 1.16 -18.03
CA LYS B 27 -15.05 2.31 -18.24
C LYS B 27 -14.35 2.73 -16.96
N GLY B 28 -15.04 2.58 -15.82
CA GLY B 28 -14.44 2.97 -14.55
C GLY B 28 -13.23 2.15 -14.18
N LEU B 29 -13.23 0.86 -14.53
CA LEU B 29 -12.09 -0.02 -14.24
C LEU B 29 -11.14 -0.14 -15.42
N GLU B 30 -11.38 0.61 -16.49
CA GLU B 30 -10.59 0.46 -17.72
C GLU B 30 -9.11 0.77 -17.48
N LYS B 31 -8.81 1.85 -16.75
CA LYS B 31 -7.42 2.18 -16.48
C LYS B 31 -6.73 1.07 -15.69
N SER B 32 -7.39 0.55 -14.65
CA SER B 32 -6.83 -0.57 -13.90
C SER B 32 -6.75 -1.82 -14.77
N SER B 33 -7.78 -2.06 -15.58
CA SER B 33 -7.79 -3.25 -16.43
C SER B 33 -6.67 -3.22 -17.45
N GLN B 34 -6.53 -2.11 -18.19
CA GLN B 34 -5.46 -1.99 -19.16
C GLN B 34 -4.10 -2.10 -18.49
N SER B 35 -3.96 -1.51 -17.31
CA SER B 35 -2.69 -1.57 -16.59
C SER B 35 -2.34 -3.00 -16.22
N PHE B 36 -3.33 -3.76 -15.76
CA PHE B 36 -3.08 -5.16 -15.41
C PHE B 36 -2.70 -5.97 -16.65
N PHE B 37 -3.44 -5.79 -17.75
CA PHE B 37 -3.15 -6.55 -18.94
C PHE B 37 -1.78 -6.16 -19.51
N ASP B 38 -1.48 -4.86 -19.52
CA ASP B 38 -0.17 -4.38 -19.95
C ASP B 38 0.94 -5.08 -19.17
N LYS B 39 0.71 -5.36 -17.89
CA LYS B 39 1.72 -6.06 -17.11
C LYS B 39 1.76 -7.54 -17.45
N VAL B 40 0.61 -8.20 -17.54
CA VAL B 40 0.63 -9.62 -17.86
C VAL B 40 1.03 -9.85 -19.31
N SER B 41 0.75 -8.88 -20.19
CA SER B 41 1.20 -8.99 -21.58
C SER B 41 2.72 -8.94 -21.68
N ARG B 42 3.36 -8.10 -20.88
CA ARG B 42 4.82 -8.04 -20.85
C ARG B 42 5.41 -9.24 -20.11
N ALA B 43 4.64 -9.87 -19.21
CA ALA B 43 5.14 -10.98 -18.41
C ALA B 43 5.43 -12.23 -19.24
N VAL B 44 4.96 -12.29 -20.49
CA VAL B 44 5.16 -13.46 -21.32
C VAL B 44 6.13 -13.15 -22.46
N LYS B 47 5.61 -17.59 -22.82
CA LYS B 47 5.23 -17.01 -24.11
C LYS B 47 3.96 -17.63 -24.67
N SER B 48 3.93 -18.97 -24.80
CA SER B 48 2.73 -19.65 -25.29
C SER B 48 1.99 -20.46 -24.23
N LYS B 49 2.69 -21.10 -23.30
CA LYS B 49 2.04 -21.98 -22.33
C LYS B 49 2.12 -21.38 -20.93
N VAL B 50 1.06 -21.60 -20.15
CA VAL B 50 1.01 -21.21 -18.75
C VAL B 50 1.80 -22.25 -17.95
N ASP B 51 3.01 -21.89 -17.53
CA ASP B 51 3.83 -22.72 -16.68
C ASP B 51 4.11 -21.96 -15.38
N ASP B 52 4.89 -22.58 -14.47
CA ASP B 52 5.08 -21.96 -13.17
CA ASP B 52 5.11 -21.98 -13.16
C ASP B 52 5.83 -20.65 -13.26
N GLU B 53 6.68 -20.47 -14.28
CA GLU B 53 7.32 -19.16 -14.46
C GLU B 53 6.28 -18.09 -14.77
N VAL B 54 5.29 -18.43 -15.59
CA VAL B 54 4.19 -17.50 -15.86
C VAL B 54 3.42 -17.20 -14.57
N LEU B 55 3.19 -18.24 -13.74
CA LEU B 55 2.42 -18.04 -12.51
C LEU B 55 3.18 -17.19 -11.50
N ASP B 56 4.49 -17.41 -11.38
CA ASP B 56 5.31 -16.54 -10.54
C ASP B 56 5.24 -15.10 -11.02
N ASP B 57 5.33 -14.90 -12.34
CA ASP B 57 5.26 -13.55 -12.90
C ASP B 57 3.87 -12.95 -12.70
N LEU B 58 2.82 -13.76 -12.83
CA LEU B 58 1.47 -13.25 -12.63
C LEU B 58 1.25 -12.81 -11.18
N GLU B 59 1.78 -13.57 -10.23
CA GLU B 59 1.71 -13.16 -8.83
C GLU B 59 2.35 -11.79 -8.62
N GLU B 60 3.53 -11.57 -9.22
CA GLU B 60 4.17 -10.27 -9.11
C GLU B 60 3.30 -9.20 -9.75
N VAL B 61 2.62 -9.54 -10.85
CA VAL B 61 1.73 -8.58 -11.49
C VAL B 61 0.57 -8.23 -10.56
N LEU B 62 0.00 -9.24 -9.90
CA LEU B 62 -1.11 -9.00 -8.98
C LEU B 62 -0.69 -8.14 -7.80
N ILE B 63 0.48 -8.43 -7.22
CA ILE B 63 1.00 -7.56 -6.16
C ILE B 63 1.15 -6.14 -6.68
N ALA B 64 1.78 -6.00 -7.85
CA ALA B 64 2.01 -4.68 -8.43
C ALA B 64 0.72 -3.97 -8.83
N SER B 65 -0.41 -4.69 -8.87
CA SER B 65 -1.69 -4.08 -9.20
C SER B 65 -2.52 -3.79 -7.97
N ASP B 66 -1.92 -3.83 -6.77
CA ASP B 66 -2.55 -3.49 -5.50
C ASP B 66 -3.66 -4.46 -5.09
N VAL B 67 -3.66 -5.68 -5.62
CA VAL B 67 -4.66 -6.64 -5.17
C VAL B 67 -4.41 -7.04 -3.72
N GLY B 68 -3.17 -6.98 -3.26
CA GLY B 68 -2.83 -7.25 -1.88
C GLY B 68 -2.17 -8.61 -1.69
N VAL B 69 -1.24 -8.66 -0.73
CA VAL B 69 -0.39 -9.85 -0.58
C VAL B 69 -1.22 -11.06 -0.17
N GLU B 70 -1.99 -10.93 0.91
CA GLU B 70 -2.77 -12.08 1.39
C GLU B 70 -3.75 -12.56 0.33
N THR B 71 -4.40 -11.63 -0.36
CA THR B 71 -5.36 -12.00 -1.40
C THR B 71 -4.66 -12.60 -2.61
N THR B 72 -3.53 -12.02 -3.03
CA THR B 72 -2.83 -12.54 -4.20
C THR B 72 -2.42 -13.98 -3.97
N VAL B 73 -1.96 -14.31 -2.76
CA VAL B 73 -1.52 -15.67 -2.47
C VAL B 73 -2.66 -16.65 -2.68
N LYS B 74 -3.86 -16.33 -2.19
CA LYS B 74 -4.98 -17.25 -2.36
C LYS B 74 -5.40 -17.38 -3.81
N ILE B 75 -5.36 -16.28 -4.58
CA ILE B 75 -5.70 -16.36 -6.00
C ILE B 75 -4.72 -17.28 -6.72
N ILE B 76 -3.41 -17.04 -6.53
CA ILE B 76 -2.40 -17.86 -7.19
C ILE B 76 -2.52 -19.33 -6.78
N ARG B 77 -2.83 -19.58 -5.50
CA ARG B 77 -2.96 -20.95 -5.03
C ARG B 77 -4.07 -21.68 -5.78
N ARG B 78 -5.24 -21.06 -5.90
CA ARG B 78 -6.34 -21.67 -6.65
C ARG B 78 -6.00 -21.77 -8.14
N ILE B 79 -5.35 -20.76 -8.71
CA ILE B 79 -5.00 -20.81 -10.12
C ILE B 79 -3.97 -21.90 -10.39
N GLU B 80 -2.99 -22.06 -9.50
CA GLU B 80 -2.00 -23.12 -9.67
C GLU B 80 -2.68 -24.48 -9.74
N GLU B 81 -3.67 -24.72 -8.88
CA GLU B 81 -4.39 -26.00 -8.90
C GLU B 81 -5.15 -26.20 -10.21
N ARG B 82 -5.83 -25.16 -10.70
CA ARG B 82 -6.58 -25.28 -11.94
C ARG B 82 -5.67 -25.56 -13.13
N VAL B 83 -4.57 -24.81 -13.25
CA VAL B 83 -3.65 -25.02 -14.37
C VAL B 83 -3.05 -26.41 -14.28
N ALA B 84 -2.78 -26.89 -13.06
CA ALA B 84 -2.29 -28.25 -12.83
C ALA B 84 -3.48 -29.22 -12.86
N ARG B 85 -4.06 -29.36 -14.05
CA ARG B 85 -5.13 -30.31 -14.29
C ARG B 85 -5.05 -30.74 -15.76
N ASP B 86 -4.96 -29.76 -16.65
CA ASP B 86 -4.88 -30.00 -18.08
C ASP B 86 -3.42 -30.10 -18.51
N LYS B 87 -3.18 -30.89 -19.56
CA LYS B 87 -1.83 -31.10 -20.08
C LYS B 87 -1.16 -29.77 -20.42
N TYR B 88 -1.89 -28.86 -21.05
CA TYR B 88 -1.33 -27.59 -21.49
C TYR B 88 -2.42 -26.55 -21.39
N VAL B 89 -2.02 -25.33 -21.02
CA VAL B 89 -2.90 -24.18 -20.93
C VAL B 89 -2.23 -23.05 -21.69
N ASN B 90 -2.92 -22.52 -22.71
CA ASN B 90 -2.39 -21.41 -23.48
C ASN B 90 -2.55 -20.11 -22.70
N VAL B 91 -1.57 -19.22 -22.85
CA VAL B 91 -1.57 -17.94 -22.14
C VAL B 91 -2.83 -17.13 -22.45
N ALA B 92 -3.48 -17.42 -23.58
CA ALA B 92 -4.76 -16.77 -23.90
C ALA B 92 -5.82 -17.07 -22.85
N GLU B 93 -5.72 -18.22 -22.17
CA GLU B 93 -6.71 -18.57 -21.16
C GLU B 93 -6.59 -17.78 -19.87
N LEU B 94 -5.56 -16.93 -19.72
CA LEU B 94 -5.33 -16.27 -18.44
C LEU B 94 -6.49 -15.35 -18.07
N ASN B 95 -7.03 -14.62 -19.05
CA ASN B 95 -8.14 -13.72 -18.79
C ASN B 95 -9.33 -14.48 -18.19
N ASN B 96 -9.65 -15.65 -18.74
CA ASN B 96 -10.80 -16.41 -18.27
C ASN B 96 -10.53 -17.05 -16.92
N ILE B 97 -9.32 -17.58 -16.72
CA ILE B 97 -8.99 -18.22 -15.45
C ILE B 97 -9.02 -17.20 -14.33
N LEU B 98 -8.47 -16.01 -14.57
CA LEU B 98 -8.47 -14.96 -13.55
C LEU B 98 -9.89 -14.58 -13.16
N ARG B 99 -10.75 -14.35 -14.15
CA ARG B 99 -12.12 -13.94 -13.86
C ARG B 99 -12.84 -14.99 -13.03
N GLU B 100 -12.71 -16.26 -13.40
CA GLU B 100 -13.48 -17.31 -12.74
C GLU B 100 -12.99 -17.55 -11.32
N GLU B 101 -11.68 -17.64 -11.11
CA GLU B 101 -11.17 -17.97 -9.79
C GLU B 101 -11.32 -16.81 -8.80
N ILE B 102 -11.13 -15.58 -9.26
CA ILE B 102 -11.25 -14.45 -8.34
C ILE B 102 -12.71 -14.19 -7.98
N SER B 103 -13.63 -14.35 -8.94
CA SER B 103 -15.05 -14.24 -8.61
C SER B 103 -15.46 -15.28 -7.56
N GLY B 104 -15.02 -16.52 -7.73
CA GLY B 104 -15.34 -17.54 -6.75
C GLY B 104 -14.79 -17.22 -5.37
N LEU B 105 -13.55 -16.72 -5.32
CA LEU B 105 -12.96 -16.34 -4.04
C LEU B 105 -13.80 -15.29 -3.34
N LEU B 106 -14.22 -14.25 -4.07
CA LEU B 106 -14.96 -13.18 -3.41
C LEU B 106 -16.28 -13.66 -2.83
N LEU B 107 -16.85 -14.74 -3.37
CA LEU B 107 -18.07 -15.30 -2.82
C LEU B 107 -17.84 -16.11 -1.56
N GLU B 108 -16.59 -16.33 -1.18
CA GLU B 108 -16.25 -17.12 0.00
C GLU B 108 -16.27 -16.30 1.29
N ASN B 109 -16.34 -14.98 1.21
CA ASN B 109 -16.30 -14.13 2.41
C ASN B 109 -17.71 -13.97 2.94
N PRO B 110 -18.05 -14.57 4.09
CA PRO B 110 -19.43 -14.46 4.58
C PRO B 110 -19.86 -13.04 4.92
N HIS B 111 -18.92 -12.13 5.13
CA HIS B 111 -19.25 -10.75 5.44
C HIS B 111 -19.50 -9.90 4.20
N ALA B 112 -19.27 -10.42 3.00
CA ALA B 112 -19.53 -9.68 1.79
C ALA B 112 -21.03 -9.68 1.49
N GLY B 113 -21.45 -8.66 0.74
CA GLY B 113 -22.84 -8.57 0.32
C GLY B 113 -23.79 -8.26 1.47
N THR B 114 -25.08 -8.47 1.21
CA THR B 114 -26.12 -8.13 2.17
C THR B 114 -26.28 -9.18 3.27
N LYS B 121 -37.15 0.90 11.65
CA LYS B 121 -37.96 2.10 11.79
C LYS B 121 -37.26 3.34 11.21
N LYS B 122 -38.06 4.28 10.74
CA LYS B 122 -37.62 5.51 10.10
C LYS B 122 -37.36 6.59 11.15
N PRO B 123 -36.50 7.58 10.84
CA PRO B 123 -35.69 7.66 9.62
C PRO B 123 -34.48 6.73 9.69
N TYR B 124 -34.04 6.27 8.53
CA TYR B 124 -32.80 5.51 8.41
C TYR B 124 -31.64 6.49 8.49
N VAL B 125 -30.79 6.35 9.51
CA VAL B 125 -29.72 7.30 9.77
C VAL B 125 -28.40 6.69 9.34
N ILE B 126 -27.72 7.37 8.42
CA ILE B 126 -26.41 6.97 7.91
C ILE B 126 -25.38 7.94 8.44
N MET B 127 -24.40 7.42 9.16
CA MET B 127 -23.28 8.23 9.60
C MET B 127 -22.09 7.96 8.68
N VAL B 128 -21.63 8.99 7.98
CA VAL B 128 -20.56 8.85 6.99
C VAL B 128 -19.25 9.26 7.66
N VAL B 129 -18.27 8.36 7.62
CA VAL B 129 -17.01 8.57 8.29
C VAL B 129 -15.86 8.39 7.29
N GLY B 130 -14.70 8.92 7.67
CA GLY B 130 -13.50 8.85 6.85
C GLY B 130 -12.65 10.10 6.95
N VAL B 131 -11.47 10.09 6.35
CA VAL B 131 -10.54 11.22 6.46
C VAL B 131 -10.81 12.29 5.40
N ASN B 132 -10.17 13.45 5.55
CA ASN B 132 -10.30 14.53 4.57
C ASN B 132 -9.68 14.08 3.24
N GLY B 133 -10.31 14.49 2.14
CA GLY B 133 -9.74 14.30 0.82
C GLY B 133 -10.05 12.98 0.14
N VAL B 134 -10.84 12.12 0.77
CA VAL B 134 -11.22 10.82 0.22
C VAL B 134 -12.48 10.87 -0.66
N GLY B 135 -13.32 11.89 -0.52
CA GLY B 135 -14.53 12.00 -1.32
C GLY B 135 -15.80 11.83 -0.50
N LYS B 136 -15.73 12.19 0.79
CA LYS B 136 -16.87 11.99 1.67
C LYS B 136 -18.06 12.86 1.27
N THR B 137 -17.84 14.15 1.05
CA THR B 137 -19.00 15.00 0.81
C THR B 137 -19.63 14.70 -0.54
N THR B 138 -18.80 14.41 -1.55
CA THR B 138 -19.35 13.99 -2.84
C THR B 138 -20.16 12.70 -2.71
N THR B 139 -19.67 11.75 -1.92
CA THR B 139 -20.42 10.52 -1.69
C THR B 139 -21.76 10.80 -1.02
N ILE B 140 -21.77 11.71 -0.05
CA ILE B 140 -23.03 12.09 0.58
C ILE B 140 -23.97 12.70 -0.45
N GLY B 141 -23.45 13.62 -1.26
CA GLY B 141 -24.29 14.25 -2.27
C GLY B 141 -24.89 13.25 -3.24
N LYS B 142 -24.09 12.28 -3.68
CA LYS B 142 -24.61 11.27 -4.60
C LYS B 142 -25.65 10.37 -3.93
N LEU B 143 -25.40 9.99 -2.67
CA LEU B 143 -26.40 9.19 -1.95
C LEU B 143 -27.69 9.95 -1.79
N ALA B 144 -27.60 11.23 -1.42
CA ALA B 144 -28.80 12.05 -1.33
C ALA B 144 -29.53 12.08 -2.66
N HIS B 145 -28.79 12.24 -3.76
CA HIS B 145 -29.44 12.29 -5.06
C HIS B 145 -30.17 10.99 -5.37
N GLN B 146 -29.53 9.85 -5.09
CA GLN B 146 -30.11 8.54 -5.38
C GLN B 146 -31.34 8.26 -4.51
N PHE B 147 -31.25 8.53 -3.21
CA PHE B 147 -32.40 8.30 -2.33
C PHE B 147 -33.58 9.18 -2.74
N LYS B 148 -33.33 10.47 -3.01
CA LYS B 148 -34.42 11.34 -3.44
C LYS B 148 -35.05 10.84 -4.73
N SER B 149 -34.23 10.30 -5.64
CA SER B 149 -34.76 9.77 -6.90
CA SER B 149 -34.76 9.79 -6.90
C SER B 149 -35.68 8.59 -6.69
N GLU B 150 -35.61 7.94 -5.54
CA GLU B 150 -36.48 6.84 -5.17
C GLU B 150 -37.76 7.32 -4.49
N GLY B 151 -37.91 8.63 -4.28
CA GLY B 151 -39.05 9.17 -3.56
C GLY B 151 -38.85 9.35 -2.08
N LEU B 152 -37.63 9.17 -1.59
CA LEU B 152 -37.35 9.23 -0.16
C LEU B 152 -37.04 10.66 0.23
N LYS B 153 -37.54 11.06 1.41
CA LYS B 153 -37.27 12.37 1.97
C LYS B 153 -35.97 12.32 2.75
N VAL B 154 -34.97 13.08 2.29
CA VAL B 154 -33.61 13.05 2.82
C VAL B 154 -33.33 14.35 3.57
N VAL B 155 -32.66 14.23 4.71
CA VAL B 155 -32.11 15.39 5.42
C VAL B 155 -30.61 15.16 5.63
N LEU B 156 -29.81 16.18 5.34
CA LEU B 156 -28.36 16.12 5.54
C LEU B 156 -27.98 16.86 6.80
N GLY B 157 -26.91 16.39 7.45
CA GLY B 157 -26.39 17.05 8.63
C GLY B 157 -24.90 17.31 8.52
N ALA B 158 -24.49 18.56 8.72
CA ALA B 158 -23.09 18.94 8.52
C ALA B 158 -22.40 18.91 9.87
N ALA B 159 -22.07 17.70 10.32
CA ALA B 159 -21.48 17.58 11.65
C ALA B 159 -19.95 17.60 11.65
N ASP B 160 -19.31 17.85 10.50
CA ASP B 160 -17.89 18.21 10.49
C ASP B 160 -17.82 19.73 10.61
N THR B 161 -17.92 20.19 11.87
CA THR B 161 -18.19 21.59 12.16
C THR B 161 -16.95 22.48 12.15
N PHE B 162 -15.75 21.91 12.03
CA PHE B 162 -14.54 22.72 12.06
C PHE B 162 -13.88 22.89 10.70
N ARG B 163 -14.37 22.23 9.66
CA ARG B 163 -13.78 22.30 8.33
C ARG B 163 -14.75 23.04 7.41
N ALA B 164 -14.42 24.29 7.09
CA ALA B 164 -15.34 25.11 6.31
C ALA B 164 -15.63 24.49 4.95
N ALA B 165 -14.62 23.87 4.32
CA ALA B 165 -14.79 23.29 3.00
C ALA B 165 -15.84 22.19 3.00
N ALA B 166 -15.90 21.40 4.07
CA ALA B 166 -16.87 20.31 4.12
C ALA B 166 -18.29 20.85 4.23
N VAL B 167 -18.49 21.85 5.09
CA VAL B 167 -19.82 22.46 5.23
C VAL B 167 -20.23 23.13 3.92
N ASP B 168 -19.32 23.92 3.34
CA ASP B 168 -19.61 24.60 2.08
C ASP B 168 -19.99 23.61 0.99
N GLN B 169 -19.25 22.51 0.88
CA GLN B 169 -19.56 21.54 -0.16
C GLN B 169 -20.91 20.88 0.08
N LEU B 170 -21.20 20.51 1.32
CA LEU B 170 -22.50 19.91 1.63
CA LEU B 170 -22.50 19.90 1.61
C LEU B 170 -23.63 20.88 1.35
N VAL B 171 -23.41 22.17 1.62
CA VAL B 171 -24.42 23.15 1.30
C VAL B 171 -24.70 23.14 -0.20
N ILE B 172 -23.64 23.10 -1.00
CA ILE B 172 -23.78 23.07 -2.47
C ILE B 172 -24.53 21.82 -2.90
N TRP B 173 -24.19 20.68 -2.32
CA TRP B 173 -24.91 19.45 -2.64
C TRP B 173 -26.38 19.54 -2.24
N SER B 174 -26.67 20.14 -1.08
CA SER B 174 -28.05 20.27 -0.66
C SER B 174 -28.85 21.11 -1.65
N GLU B 175 -28.21 22.14 -2.20
CA GLU B 175 -28.87 23.01 -3.18
C GLU B 175 -28.94 22.34 -4.55
N ARG B 176 -27.88 21.63 -4.94
CA ARG B 176 -27.89 20.95 -6.22
C ARG B 176 -28.91 19.80 -6.24
N VAL B 177 -28.93 18.99 -5.19
CA VAL B 177 -29.84 17.85 -5.16
C VAL B 177 -31.25 18.30 -4.75
N GLY B 178 -31.36 19.32 -3.91
CA GLY B 178 -32.65 19.76 -3.45
C GLY B 178 -33.09 19.02 -2.20
N VAL B 179 -32.25 19.04 -1.16
CA VAL B 179 -32.59 18.45 0.14
C VAL B 179 -32.18 19.41 1.23
N PRO B 180 -32.90 19.39 2.35
CA PRO B 180 -32.54 20.27 3.47
C PRO B 180 -31.22 19.86 4.09
N ILE B 181 -30.53 20.84 4.65
CA ILE B 181 -29.29 20.59 5.38
C ILE B 181 -29.40 21.25 6.75
N VAL B 182 -28.92 20.57 7.77
CA VAL B 182 -28.86 21.11 9.13
C VAL B 182 -27.40 21.40 9.43
N LYS B 183 -27.12 22.64 9.81
CA LYS B 183 -25.74 23.05 10.07
C LYS B 183 -25.75 24.14 11.13
N GLN B 184 -24.57 24.39 11.68
CA GLN B 184 -24.36 25.43 12.67
C GLN B 184 -23.08 26.17 12.33
N ALA B 185 -22.84 27.29 13.01
CA ALA B 185 -21.65 28.08 12.75
C ALA B 185 -20.39 27.23 12.94
N MET B 186 -19.31 27.65 12.29
CA MET B 186 -18.03 26.95 12.42
C MET B 186 -17.64 26.83 13.89
N GLY B 187 -17.09 25.67 14.25
CA GLY B 187 -16.65 25.41 15.61
C GLY B 187 -17.71 24.92 16.57
N SER B 188 -18.95 24.75 16.13
CA SER B 188 -19.99 24.26 17.02
C SER B 188 -19.73 22.80 17.40
N ASP B 189 -20.44 22.35 18.42
CA ASP B 189 -20.35 20.96 18.85
C ASP B 189 -20.93 20.04 17.78
N PRO B 190 -20.15 19.12 17.21
CA PRO B 190 -20.74 18.22 16.21
C PRO B 190 -21.89 17.38 16.75
N ALA B 191 -21.86 17.04 18.04
CA ALA B 191 -22.95 16.27 18.61
C ALA B 191 -24.25 17.07 18.62
N SER B 192 -24.15 18.39 18.78
CA SER B 192 -25.34 19.24 18.74
C SER B 192 -25.91 19.32 17.33
N VAL B 193 -25.04 19.43 16.31
CA VAL B 193 -25.55 19.39 14.94
C VAL B 193 -26.23 18.05 14.66
N ALA B 194 -25.63 16.95 15.11
CA ALA B 194 -26.20 15.63 14.86
C ALA B 194 -27.56 15.49 15.54
N PHE B 195 -27.65 15.92 16.80
CA PHE B 195 -28.94 15.93 17.49
C PHE B 195 -29.97 16.73 16.70
N ASP B 196 -29.63 17.99 16.38
CA ASP B 196 -30.56 18.85 15.65
C ASP B 196 -30.98 18.22 14.34
N THR B 197 -30.06 17.50 13.69
CA THR B 197 -30.37 16.92 12.40
C THR B 197 -31.42 15.82 12.54
N VAL B 198 -31.21 14.90 13.47
CA VAL B 198 -32.16 13.80 13.62
C VAL B 198 -33.48 14.30 14.21
N GLN B 199 -33.41 15.27 15.13
CA GLN B 199 -34.65 15.87 15.64
C GLN B 199 -35.42 16.56 14.53
N SER B 200 -34.72 17.31 13.68
CA SER B 200 -35.38 17.94 12.54
C SER B 200 -35.93 16.90 11.59
N ALA B 201 -35.21 15.80 11.39
CA ALA B 201 -35.69 14.77 10.48
C ALA B 201 -36.96 14.11 10.99
N VAL B 202 -37.00 13.81 12.29
CA VAL B 202 -38.22 13.24 12.88
C VAL B 202 -39.39 14.20 12.72
N SER B 203 -39.18 15.48 13.01
CA SER B 203 -40.28 16.43 12.92
C SER B 203 -40.74 16.65 11.48
N GLN B 204 -39.87 16.39 10.49
CA GLN B 204 -40.22 16.54 9.08
C GLN B 204 -40.60 15.23 8.42
N ASP B 205 -40.74 14.14 9.19
CA ASP B 205 -41.14 12.84 8.65
C ASP B 205 -40.20 12.38 7.54
N ALA B 206 -38.92 12.65 7.73
CA ALA B 206 -37.93 12.24 6.73
C ALA B 206 -37.73 10.74 6.72
N ASP B 207 -37.31 10.22 5.57
CA ASP B 207 -37.02 8.80 5.43
C ASP B 207 -35.57 8.45 5.76
N VAL B 208 -34.65 9.35 5.42
CA VAL B 208 -33.22 9.08 5.48
C VAL B 208 -32.53 10.31 6.05
N VAL B 209 -31.60 10.07 6.98
CA VAL B 209 -30.70 11.10 7.49
C VAL B 209 -29.28 10.69 7.10
N ILE B 210 -28.50 11.63 6.57
CA ILE B 210 -27.09 11.39 6.28
C ILE B 210 -26.26 12.43 7.03
N ILE B 211 -25.37 11.97 7.90
CA ILE B 211 -24.56 12.81 8.77
C ILE B 211 -23.12 12.76 8.30
N ASP B 212 -22.55 13.92 7.95
CA ASP B 212 -21.11 14.01 7.71
C ASP B 212 -20.38 14.20 9.04
N THR B 213 -19.22 13.54 9.19
CA THR B 213 -18.46 13.64 10.44
C THR B 213 -17.00 13.95 10.16
N ALA B 214 -16.33 14.51 11.16
CA ALA B 214 -14.90 14.78 11.00
C ALA B 214 -14.11 13.48 11.10
N GLY B 215 -12.99 13.43 10.39
CA GLY B 215 -12.16 12.22 10.40
C GLY B 215 -10.67 12.52 10.29
N ARG B 216 -9.86 11.75 11.00
CA ARG B 216 -8.41 11.91 11.03
C ARG B 216 -7.80 10.74 11.80
N LEU B 217 -6.71 10.18 11.27
CA LEU B 217 -6.09 9.04 11.96
C LEU B 217 -5.26 9.49 13.15
N HIS B 218 -4.60 10.65 13.07
CA HIS B 218 -3.85 11.13 14.22
C HIS B 218 -4.86 11.65 15.24
N ASN B 219 -4.48 11.61 16.51
CA ASN B 219 -5.43 11.87 17.59
C ASN B 219 -6.67 10.98 17.44
N LYS B 220 -6.41 9.67 17.37
CA LYS B 220 -7.49 8.73 17.18
C LYS B 220 -8.41 8.66 18.38
N VAL B 221 -7.87 8.83 19.59
CA VAL B 221 -8.71 8.75 20.79
C VAL B 221 -9.81 9.78 20.71
N ASN B 222 -9.46 11.03 20.39
CA ASN B 222 -10.47 12.07 20.34
C ASN B 222 -11.46 11.78 19.23
N LEU B 223 -11.00 11.17 18.15
CA LEU B 223 -11.92 10.81 17.07
C LEU B 223 -12.95 9.77 17.51
N MET B 224 -12.48 8.69 18.14
CA MET B 224 -13.40 7.65 18.63
C MET B 224 -14.40 8.23 19.62
N ASN B 225 -13.96 9.13 20.49
CA ASN B 225 -14.87 9.68 21.48
C ASN B 225 -15.92 10.56 20.81
N GLU B 226 -15.52 11.32 19.79
CA GLU B 226 -16.46 12.17 19.09
C GLU B 226 -17.51 11.34 18.35
N LEU B 227 -17.09 10.25 17.70
CA LEU B 227 -18.04 9.43 16.98
C LEU B 227 -19.00 8.73 17.93
N SER B 228 -18.51 8.25 19.08
CA SER B 228 -19.40 7.63 20.04
CA SER B 228 -19.40 7.62 20.05
C SER B 228 -20.40 8.64 20.61
N LYS B 229 -19.95 9.88 20.84
CA LYS B 229 -20.85 10.89 21.37
C LYS B 229 -21.94 11.25 20.36
N ILE B 230 -21.56 11.33 19.08
CA ILE B 230 -22.54 11.62 18.03
C ILE B 230 -23.61 10.52 18.00
N LYS B 231 -23.19 9.26 18.05
CA LYS B 231 -24.17 8.18 18.05
C LYS B 231 -25.03 8.23 19.31
N ARG B 232 -24.39 8.42 20.46
CA ARG B 232 -25.14 8.44 21.71
C ARG B 232 -26.22 9.52 21.68
N VAL B 233 -25.88 10.69 21.17
CA VAL B 233 -26.82 11.81 21.16
C VAL B 233 -27.96 11.56 20.17
N MET B 234 -27.63 11.03 18.99
CA MET B 234 -28.69 10.72 18.03
C MET B 234 -29.63 9.65 18.58
N GLN B 235 -29.10 8.72 19.37
CA GLN B 235 -29.95 7.66 19.94
C GLN B 235 -30.98 8.21 20.92
N LYS B 236 -30.79 9.43 21.43
CA LYS B 236 -31.82 10.06 22.24
C LYS B 236 -33.10 10.31 21.42
N VAL B 237 -32.94 10.49 20.11
CA VAL B 237 -34.07 10.77 19.20
C VAL B 237 -34.50 9.53 18.43
N VAL B 238 -33.55 8.78 17.89
CA VAL B 238 -33.80 7.58 17.10
C VAL B 238 -32.97 6.44 17.70
N PRO B 239 -33.58 5.55 18.51
CA PRO B 239 -32.76 4.61 19.30
C PRO B 239 -31.90 3.68 18.47
N ASP B 240 -32.33 3.31 17.26
CA ASP B 240 -31.56 2.43 16.41
C ASP B 240 -30.43 3.14 15.69
N ALA B 241 -30.39 4.47 15.72
CA ALA B 241 -29.40 5.20 14.94
C ALA B 241 -28.01 5.04 15.54
N PRO B 242 -26.96 5.11 14.70
CA PRO B 242 -27.01 5.14 13.23
C PRO B 242 -27.32 3.74 12.74
N HIS B 243 -28.14 3.63 11.70
CA HIS B 243 -28.45 2.33 11.14
C HIS B 243 -27.31 1.81 10.27
N GLU B 244 -26.56 2.74 9.67
CA GLU B 244 -25.41 2.44 8.85
C GLU B 244 -24.29 3.38 9.21
N VAL B 245 -23.08 2.85 9.36
CA VAL B 245 -21.87 3.66 9.48
C VAL B 245 -21.05 3.34 8.25
N LEU B 246 -20.98 4.29 7.32
CA LEU B 246 -20.38 4.09 6.02
C LEU B 246 -19.01 4.75 5.99
N LEU B 247 -17.96 3.94 5.84
CA LEU B 247 -16.59 4.43 5.79
C LEU B 247 -16.19 4.64 4.34
N VAL B 248 -15.81 5.87 4.01
CA VAL B 248 -15.45 6.23 2.64
C VAL B 248 -13.93 6.13 2.49
N LEU B 249 -13.48 5.42 1.43
CA LEU B 249 -12.07 5.16 1.19
C LEU B 249 -11.70 5.62 -0.21
N ASP B 250 -10.45 6.06 -0.37
CA ASP B 250 -9.97 6.55 -1.66
C ASP B 250 -9.30 5.40 -2.41
N GLY B 251 -9.99 4.83 -3.39
CA GLY B 251 -9.40 3.72 -4.11
C GLY B 251 -8.23 4.10 -4.99
N SER B 252 -8.07 5.39 -5.28
CA SER B 252 -6.92 5.79 -6.08
C SER B 252 -5.61 5.65 -5.33
N THR B 253 -5.64 5.41 -4.03
CA THR B 253 -4.41 5.16 -3.28
C THR B 253 -4.10 3.68 -3.16
N GLY B 254 -4.95 2.82 -3.72
CA GLY B 254 -4.63 1.40 -3.71
C GLY B 254 -4.62 0.85 -2.30
N GLN B 255 -3.62 0.01 -2.01
CA GLN B 255 -3.56 -0.66 -0.72
C GLN B 255 -3.40 0.31 0.45
N ASN B 256 -3.03 1.58 0.21
CA ASN B 256 -3.01 2.54 1.31
C ASN B 256 -4.39 2.67 1.93
N ALA B 257 -5.43 2.60 1.09
CA ALA B 257 -6.81 2.66 1.59
C ALA B 257 -7.14 1.46 2.47
N PHE B 258 -6.58 0.29 2.14
CA PHE B 258 -6.80 -0.93 2.92
C PHE B 258 -6.30 -0.75 4.35
N GLU B 259 -5.06 -0.28 4.50
CA GLU B 259 -4.50 -0.16 5.84
C GLU B 259 -5.19 0.99 6.59
N GLN B 260 -5.54 2.05 5.88
CA GLN B 260 -6.31 3.13 6.50
C GLN B 260 -7.65 2.62 7.00
N ALA B 261 -8.30 1.77 6.22
CA ALA B 261 -9.59 1.21 6.62
C ALA B 261 -9.44 0.27 7.82
N LYS B 262 -8.34 -0.49 7.86
CA LYS B 262 -8.04 -1.32 9.02
C LYS B 262 -8.04 -0.50 10.31
N GLN B 263 -7.51 0.74 10.26
CA GLN B 263 -7.44 1.61 11.44
C GLN B 263 -8.82 2.08 11.88
N PHE B 264 -9.65 2.54 10.92
CA PHE B 264 -10.96 3.08 11.26
C PHE B 264 -11.88 2.00 11.80
N THR B 265 -11.89 0.81 11.18
CA THR B 265 -12.81 -0.24 11.58
C THR B 265 -12.48 -0.80 12.96
N ALA B 266 -11.24 -0.65 13.42
CA ALA B 266 -10.91 -1.08 14.77
C ALA B 266 -11.22 0.00 15.79
N ALA B 267 -11.23 1.27 15.37
CA ALA B 267 -11.45 2.38 16.28
C ALA B 267 -12.92 2.67 16.54
N THR B 268 -13.81 2.29 15.61
CA THR B 268 -15.24 2.50 15.76
C THR B 268 -15.98 1.47 14.90
N GLU B 269 -17.24 1.23 15.25
CA GLU B 269 -18.03 0.23 14.53
C GLU B 269 -18.46 0.76 13.16
N VAL B 270 -17.92 0.17 12.10
CA VAL B 270 -18.28 0.50 10.73
C VAL B 270 -19.11 -0.64 10.17
N THR B 271 -20.16 -0.32 9.40
CA THR B 271 -21.02 -1.37 8.87
C THR B 271 -20.92 -1.55 7.37
N ALA B 272 -20.32 -0.61 6.66
CA ALA B 272 -20.22 -0.72 5.21
C ALA B 272 -19.09 0.17 4.73
N LEU B 273 -18.52 -0.18 3.59
CA LEU B 273 -17.45 0.56 2.96
C LEU B 273 -17.89 1.13 1.63
N ALA B 274 -17.38 2.31 1.31
CA ALA B 274 -17.50 2.91 -0.01
C ALA B 274 -16.09 3.19 -0.53
N VAL B 275 -15.76 2.70 -1.71
CA VAL B 275 -14.44 2.91 -2.30
C VAL B 275 -14.58 3.83 -3.50
N THR B 276 -14.04 5.05 -3.41
CA THR B 276 -14.23 6.08 -4.43
C THR B 276 -13.03 6.16 -5.38
N LYS B 277 -13.21 6.95 -6.44
CA LYS B 277 -12.12 7.42 -7.30
C LYS B 277 -11.44 6.29 -8.07
N LEU B 278 -12.21 5.30 -8.51
CA LEU B 278 -11.63 4.19 -9.25
C LEU B 278 -11.34 4.53 -10.71
N ASP B 279 -12.10 5.46 -11.31
CA ASP B 279 -11.99 5.64 -12.76
C ASP B 279 -10.65 6.22 -13.18
N GLY B 280 -10.05 7.09 -12.36
CA GLY B 280 -8.79 7.69 -12.74
C GLY B 280 -7.54 7.01 -12.22
N THR B 281 -7.66 5.80 -11.67
CA THR B 281 -6.51 5.11 -11.07
C THR B 281 -6.26 3.77 -11.74
N ALA B 282 -5.01 3.33 -11.66
CA ALA B 282 -4.62 1.97 -12.02
C ALA B 282 -4.62 1.00 -10.85
N ARG B 283 -5.00 1.45 -9.65
CA ARG B 283 -4.90 0.64 -8.44
C ARG B 283 -6.24 0.06 -7.98
N GLY B 284 -7.22 -0.03 -8.88
CA GLY B 284 -8.55 -0.45 -8.48
C GLY B 284 -8.64 -1.88 -7.97
N GLY B 285 -7.60 -2.68 -8.21
CA GLY B 285 -7.56 -4.04 -7.68
C GLY B 285 -7.65 -4.10 -6.17
N VAL B 286 -7.41 -2.98 -5.47
CA VAL B 286 -7.54 -2.95 -4.02
C VAL B 286 -8.94 -3.34 -3.57
N VAL B 287 -9.95 -3.10 -4.42
CA VAL B 287 -11.31 -3.48 -4.08
C VAL B 287 -11.41 -4.99 -3.90
N ILE B 288 -10.69 -5.74 -4.73
CA ILE B 288 -10.71 -7.19 -4.63
C ILE B 288 -10.11 -7.64 -3.30
N GLY B 289 -8.96 -7.07 -2.92
CA GLY B 289 -8.37 -7.41 -1.63
C GLY B 289 -9.22 -6.98 -0.45
N ILE B 290 -9.84 -5.80 -0.54
CA ILE B 290 -10.71 -5.36 0.55
C ILE B 290 -11.89 -6.30 0.70
N SER B 291 -12.57 -6.59 -0.42
CA SER B 291 -13.74 -7.48 -0.34
C SER B 291 -13.33 -8.85 0.19
N ASP B 292 -12.14 -9.31 -0.17
CA ASP B 292 -11.69 -10.62 0.26
C ASP B 292 -11.33 -10.65 1.74
N GLN B 293 -10.68 -9.60 2.25
CA GLN B 293 -10.10 -9.62 3.58
C GLN B 293 -10.97 -9.02 4.67
N PHE B 294 -11.77 -8.00 4.37
CA PHE B 294 -12.46 -7.29 5.43
C PHE B 294 -13.71 -8.00 5.92
N GLN B 295 -13.97 -7.85 7.21
CA GLN B 295 -15.16 -8.34 7.89
C GLN B 295 -16.33 -7.37 7.77
N VAL B 296 -16.21 -6.37 6.91
CA VAL B 296 -17.27 -5.42 6.64
C VAL B 296 -17.42 -5.36 5.13
N PRO B 297 -18.64 -5.36 4.58
CA PRO B 297 -18.80 -5.46 3.12
C PRO B 297 -18.45 -4.17 2.41
N VAL B 298 -17.87 -4.32 1.22
CA VAL B 298 -17.86 -3.23 0.25
C VAL B 298 -19.29 -3.06 -0.26
N LYS B 299 -19.87 -1.88 -0.03
CA LYS B 299 -21.25 -1.61 -0.44
C LYS B 299 -21.35 -0.70 -1.64
N TYR B 300 -20.47 0.29 -1.76
CA TYR B 300 -20.48 1.25 -2.85
C TYR B 300 -19.10 1.38 -3.47
N ILE B 301 -19.06 1.59 -4.79
CA ILE B 301 -17.82 1.92 -5.48
C ILE B 301 -18.07 3.12 -6.37
N GLY B 302 -17.11 4.05 -6.40
CA GLY B 302 -17.21 5.21 -7.25
C GLY B 302 -16.47 4.99 -8.56
N VAL B 303 -17.19 4.92 -9.67
CA VAL B 303 -16.58 4.55 -10.95
C VAL B 303 -16.70 5.67 -11.98
N GLY B 304 -17.12 6.85 -11.59
CA GLY B 304 -17.23 7.95 -12.52
C GLY B 304 -17.85 9.15 -11.84
N GLU B 305 -18.06 10.19 -12.65
CA GLU B 305 -18.51 11.47 -12.12
C GLU B 305 -20.02 11.56 -11.95
N LYS B 306 -20.79 10.71 -12.63
CA LYS B 306 -22.24 10.83 -12.58
C LYS B 306 -22.76 10.49 -11.19
N MET B 307 -23.97 10.98 -10.90
CA MET B 307 -24.64 10.62 -9.65
C MET B 307 -24.80 9.12 -9.53
N GLN B 308 -25.15 8.46 -10.64
CA GLN B 308 -25.38 7.02 -10.65
C GLN B 308 -24.07 6.22 -10.68
N ASP B 309 -22.92 6.90 -10.82
CA ASP B 309 -21.63 6.22 -10.84
C ASP B 309 -21.12 5.88 -9.44
N LEU B 310 -21.83 6.26 -8.39
CA LEU B 310 -21.65 5.64 -7.08
C LEU B 310 -22.56 4.41 -7.08
N GLN B 311 -21.99 3.25 -7.39
CA GLN B 311 -22.76 2.04 -7.64
C GLN B 311 -22.78 1.15 -6.40
N LEU B 312 -23.92 0.53 -6.14
CA LEU B 312 -23.95 -0.59 -5.22
C LEU B 312 -23.04 -1.69 -5.75
N PHE B 313 -22.38 -2.40 -4.85
CA PHE B 313 -21.28 -3.30 -5.20
C PHE B 313 -21.77 -4.68 -5.56
N ASN B 314 -21.13 -5.27 -6.59
CA ASN B 314 -21.34 -6.66 -6.95
C ASN B 314 -19.96 -7.18 -7.35
N GLY B 315 -19.35 -8.00 -6.47
CA GLY B 315 -17.99 -8.46 -6.71
C GLY B 315 -17.84 -9.31 -7.95
N THR B 316 -18.89 -10.06 -8.32
CA THR B 316 -18.80 -10.87 -9.52
C THR B 316 -18.72 -10.00 -10.76
N GLU B 317 -19.57 -8.96 -10.83
CA GLU B 317 -19.50 -8.03 -11.95
C GLU B 317 -18.23 -7.18 -11.89
N PHE B 318 -17.76 -6.86 -10.69
CA PHE B 318 -16.51 -6.10 -10.60
C PHE B 318 -15.35 -6.89 -11.21
N VAL B 319 -15.24 -8.17 -10.85
CA VAL B 319 -14.16 -9.00 -11.38
C VAL B 319 -14.28 -9.16 -12.88
N ASP B 320 -15.51 -9.32 -13.38
CA ASP B 320 -15.73 -9.42 -14.82
C ASP B 320 -15.22 -8.19 -15.56
N SER B 321 -15.53 -7.00 -15.03
CA SER B 321 -15.11 -5.77 -15.68
C SER B 321 -13.62 -5.53 -15.54
N PHE B 322 -13.03 -5.97 -14.43
CA PHE B 322 -11.60 -5.76 -14.22
C PHE B 322 -10.79 -6.54 -15.24
N PHE B 323 -11.22 -7.75 -15.58
CA PHE B 323 -10.51 -8.59 -16.54
C PHE B 323 -11.26 -8.70 -17.85
N LYS B 324 -11.84 -7.58 -18.32
CA LYS B 324 -12.64 -7.57 -19.54
C LYS B 324 -11.78 -7.84 -20.77
#